data_5TVB
#
_entry.id   5TVB
#
_cell.length_a   74.355
_cell.length_b   50.669
_cell.length_c   94.656
_cell.angle_alpha   90.000
_cell.angle_beta   108.010
_cell.angle_gamma   90.000
#
_symmetry.space_group_name_H-M   'C 1 2 1'
#
loop_
_entity.id
_entity.type
_entity.pdbx_description
1 polymer 'Nucleoprotein TPR'
2 water water
#
_entity_poly.entity_id   1
_entity_poly.type   'polypeptide(L)'
_entity_poly.pdbx_seq_one_letter_code
;AAVLQQVLERTELNKLPKSVQNKLEKFLADQQSEIDGLKGRHEKFKVESEQQY(MSE)EIEKRLSHSQERLVNETRECQS
LRLELEKLNNQLKALTEKNKELE(MSE)AQDRNIAIQSQ(MSE)TRTKEELEAEKRDLIRTNERLSQELEYLT
;
_entity_poly.pdbx_strand_id   A,B
#
# COMPACT_ATOMS: atom_id res chain seq x y z
N ALA A 2 -44.42 7.24 52.83
CA ALA A 2 -45.57 8.09 53.14
C ALA A 2 -45.32 9.53 52.71
N VAL A 3 -45.87 9.92 51.56
CA VAL A 3 -45.72 11.28 51.06
C VAL A 3 -46.96 12.15 51.35
N LEU A 4 -48.03 11.55 51.85
CA LEU A 4 -49.29 12.27 51.99
C LEU A 4 -49.29 13.30 53.11
N GLN A 5 -48.49 13.04 54.15
CA GLN A 5 -48.42 13.96 55.28
C GLN A 5 -47.68 15.23 54.87
N GLN A 6 -46.92 15.16 53.78
CA GLN A 6 -46.27 16.36 53.23
C GLN A 6 -47.28 17.32 52.57
N VAL A 7 -48.16 16.76 51.74
CA VAL A 7 -49.13 17.55 50.97
C VAL A 7 -50.35 18.04 51.75
N LEU A 8 -50.92 17.16 52.57
CA LEU A 8 -52.17 17.44 53.26
C LEU A 8 -51.92 17.70 54.74
N GLU A 9 -52.99 18.04 55.45
CA GLU A 9 -52.92 18.23 56.89
C GLU A 9 -53.61 17.09 57.64
N ARG A 10 -53.19 16.87 58.88
CA ARG A 10 -53.70 15.79 59.72
C ARG A 10 -55.23 15.70 59.70
N THR A 11 -55.89 16.84 59.79
CA THR A 11 -57.35 16.87 59.76
C THR A 11 -57.88 16.37 58.42
N GLU A 12 -57.36 16.95 57.34
CA GLU A 12 -57.76 16.56 55.98
C GLU A 12 -57.43 15.09 55.69
N LEU A 13 -56.24 14.67 56.09
CA LEU A 13 -55.75 13.33 55.76
C LEU A 13 -56.54 12.23 56.46
N ASN A 14 -57.02 12.52 57.67
CA ASN A 14 -57.75 11.52 58.45
C ASN A 14 -59.18 11.35 57.95
N LYS A 15 -59.58 12.21 57.04
CA LYS A 15 -60.91 12.13 56.44
C LYS A 15 -60.86 11.26 55.19
N LEU A 16 -59.67 10.76 54.87
CA LEU A 16 -59.50 9.87 53.72
C LEU A 16 -59.54 8.42 54.17
N PRO A 17 -60.40 7.61 53.54
CA PRO A 17 -60.46 6.18 53.79
C PRO A 17 -59.12 5.50 53.55
N LYS A 18 -58.86 4.40 54.26
CA LYS A 18 -57.58 3.70 54.20
C LYS A 18 -57.23 3.28 52.78
N SER A 19 -58.23 2.78 52.06
CA SER A 19 -58.05 2.38 50.66
C SER A 19 -57.61 3.56 49.81
N VAL A 20 -58.27 4.70 50.01
CA VAL A 20 -57.95 5.91 49.28
C VAL A 20 -56.51 6.37 49.52
N GLN A 21 -56.08 6.31 50.78
CA GLN A 21 -54.72 6.69 51.11
C GLN A 21 -53.72 5.73 50.49
N ASN A 22 -54.04 4.44 50.55
CA ASN A 22 -53.15 3.40 50.02
C ASN A 22 -53.00 3.50 48.49
N LYS A 23 -54.12 3.71 47.81
CA LYS A 23 -54.08 3.92 46.36
C LYS A 23 -53.23 5.15 46.03
N LEU A 24 -53.42 6.21 46.80
CA LEU A 24 -52.66 7.44 46.62
C LEU A 24 -51.19 7.28 46.98
N GLU A 25 -50.92 6.60 48.09
CA GLU A 25 -49.56 6.39 48.55
C GLU A 25 -48.73 5.66 47.51
N LYS A 26 -49.29 4.56 47.00
CA LYS A 26 -48.60 3.74 46.01
C LYS A 26 -48.32 4.49 44.72
N PHE A 27 -49.29 5.28 44.25
CA PHE A 27 -49.14 6.01 42.99
C PHE A 27 -48.03 7.05 43.08
N LEU A 28 -48.00 7.78 44.19
CA LEU A 28 -46.95 8.76 44.41
C LEU A 28 -45.60 8.06 44.48
N ALA A 29 -45.55 6.94 45.21
CA ALA A 29 -44.35 6.13 45.28
C ALA A 29 -43.88 5.68 43.90
N ASP A 30 -44.82 5.21 43.08
CA ASP A 30 -44.49 4.70 41.76
C ASP A 30 -43.90 5.76 40.84
N GLN A 31 -44.52 6.94 40.82
CA GLN A 31 -44.00 8.03 40.00
C GLN A 31 -42.68 8.54 40.58
N GLN A 32 -42.56 8.50 41.89
CA GLN A 32 -41.31 8.88 42.56
C GLN A 32 -40.22 7.86 42.24
N SER A 33 -40.60 6.59 42.15
CA SER A 33 -39.68 5.53 41.76
C SER A 33 -39.22 5.73 40.32
N GLU A 34 -40.12 6.22 39.48
CA GLU A 34 -39.82 6.45 38.08
C GLU A 34 -38.81 7.59 37.92
N ILE A 35 -38.95 8.62 38.74
CA ILE A 35 -38.04 9.75 38.72
C ILE A 35 -36.61 9.28 38.98
N ASP A 36 -36.43 8.57 40.09
CA ASP A 36 -35.12 8.01 40.42
C ASP A 36 -34.67 7.03 39.32
N GLY A 37 -35.64 6.36 38.70
CA GLY A 37 -35.35 5.42 37.64
C GLY A 37 -34.83 6.09 36.38
N LEU A 38 -35.48 7.18 35.98
CA LEU A 38 -35.07 7.92 34.79
C LEU A 38 -33.69 8.54 34.97
N LYS A 39 -33.39 8.96 36.19
CA LYS A 39 -32.11 9.58 36.50
C LYS A 39 -30.99 8.55 36.49
N GLY A 40 -31.26 7.38 37.07
CA GLY A 40 -30.31 6.29 37.07
C GLY A 40 -29.95 5.78 35.68
N ARG A 41 -30.98 5.56 34.85
CA ARG A 41 -30.77 5.09 33.49
C ARG A 41 -29.95 6.08 32.66
N HIS A 42 -30.41 7.31 32.64
CA HIS A 42 -29.74 8.38 31.88
C HIS A 42 -28.28 8.53 32.28
N GLU A 43 -28.02 8.56 33.58
CA GLU A 43 -26.67 8.76 34.08
C GLU A 43 -25.72 7.65 33.63
N LYS A 44 -26.23 6.42 33.61
CA LYS A 44 -25.44 5.28 33.14
C LYS A 44 -25.21 5.37 31.64
N PHE A 45 -26.21 5.84 30.91
CA PHE A 45 -26.09 6.08 29.49
C PHE A 45 -24.99 7.11 29.20
N LYS A 46 -25.05 8.20 29.96
CA LYS A 46 -24.10 9.31 29.81
C LYS A 46 -22.66 8.83 29.94
N VAL A 47 -22.42 7.96 30.92
CA VAL A 47 -21.10 7.39 31.14
C VAL A 47 -20.63 6.57 29.93
N GLU A 48 -21.54 5.74 29.41
CA GLU A 48 -21.26 4.91 28.24
C GLU A 48 -20.91 5.75 27.01
N SER A 49 -21.71 6.78 26.75
CA SER A 49 -21.50 7.65 25.60
C SER A 49 -20.12 8.31 25.65
N GLU A 50 -19.77 8.82 26.83
CA GLU A 50 -18.50 9.51 27.02
C GLU A 50 -17.32 8.58 26.85
N GLN A 51 -17.44 7.38 27.38
CA GLN A 51 -16.38 6.39 27.31
C GLN A 51 -16.13 5.94 25.88
N GLN A 52 -17.20 5.73 25.12
CA GLN A 52 -17.10 5.32 23.72
C GLN A 52 -16.55 6.42 22.82
N TYR A 53 -16.85 7.66 23.15
CA TYR A 53 -16.36 8.78 22.36
C TYR A 53 -14.87 8.98 22.62
N GLU A 55 -12.75 6.67 23.36
CA GLU A 55 -12.02 5.55 22.76
C GLU A 55 -11.96 5.63 21.25
N ILE A 56 -13.04 6.08 20.61
CA ILE A 56 -13.03 6.23 19.16
C ILE A 56 -12.16 7.43 18.78
N GLU A 57 -11.95 8.34 19.72
CA GLU A 57 -11.07 9.48 19.49
C GLU A 57 -9.61 9.02 19.42
N LYS A 58 -9.23 8.12 20.32
CA LYS A 58 -7.88 7.56 20.33
C LYS A 58 -7.64 6.78 19.04
N ARG A 59 -8.67 6.12 18.56
CA ARG A 59 -8.61 5.34 17.33
C ARG A 59 -8.37 6.25 16.14
N LEU A 60 -8.94 7.45 16.18
CA LEU A 60 -8.69 8.44 15.14
C LEU A 60 -7.28 9.01 15.24
N SER A 61 -6.86 9.34 16.45
CA SER A 61 -5.51 9.84 16.70
C SER A 61 -4.46 8.90 16.10
N HIS A 62 -4.64 7.61 16.35
CA HIS A 62 -3.75 6.59 15.82
C HIS A 62 -3.84 6.53 14.30
N SER A 63 -5.06 6.62 13.77
CA SER A 63 -5.27 6.56 12.33
C SER A 63 -4.66 7.77 11.61
N GLN A 64 -4.69 8.92 12.27
CA GLN A 64 -4.14 10.14 11.70
C GLN A 64 -2.61 10.06 11.63
N GLU A 65 -1.99 9.69 12.74
CA GLU A 65 -0.54 9.65 12.83
C GLU A 65 0.12 8.63 11.90
N ARG A 66 -0.51 7.48 11.71
CA ARG A 66 0.10 6.45 10.88
C ARG A 66 -0.07 6.77 9.39
N LEU A 67 -1.18 7.41 9.03
CA LEU A 67 -1.36 7.91 7.67
C LEU A 67 -0.29 8.94 7.35
N VAL A 68 0.03 9.76 8.34
CA VAL A 68 1.09 10.75 8.22
C VAL A 68 2.45 10.07 8.00
N ASN A 69 2.77 9.10 8.84
CA ASN A 69 4.05 8.39 8.76
C ASN A 69 4.20 7.60 7.46
N GLU A 70 3.07 7.18 6.92
CA GLU A 70 3.04 6.46 5.66
C GLU A 70 3.21 7.36 4.45
N THR A 71 2.55 8.51 4.48
CA THR A 71 2.59 9.46 3.39
C THR A 71 4.02 9.92 3.12
N ARG A 72 4.78 10.15 4.20
CA ARG A 72 6.17 10.53 4.06
C ARG A 72 6.95 9.39 3.40
N GLU A 73 6.57 8.16 3.74
CA GLU A 73 7.27 6.98 3.25
C GLU A 73 7.07 6.80 1.75
N CYS A 74 5.91 7.19 1.24
CA CYS A 74 5.65 7.14 -0.20
C CYS A 74 6.59 8.09 -0.90
N GLN A 75 6.66 9.31 -0.38
CA GLN A 75 7.58 10.34 -0.86
C GLN A 75 9.03 9.83 -0.82
N SER A 76 9.40 9.18 0.28
CA SER A 76 10.72 8.60 0.43
C SER A 76 11.06 7.62 -0.69
N LEU A 77 10.06 6.84 -1.09
CA LEU A 77 10.23 5.87 -2.17
C LEU A 77 10.36 6.58 -3.51
N ARG A 78 9.43 7.50 -3.79
CA ARG A 78 9.40 8.22 -5.05
C ARG A 78 10.72 8.93 -5.32
N LEU A 79 11.32 9.48 -4.28
CA LEU A 79 12.63 10.10 -4.40
C LEU A 79 13.69 9.08 -4.77
N GLU A 80 13.74 7.99 -4.01
CA GLU A 80 14.70 6.91 -4.24
C GLU A 80 14.45 6.24 -5.58
N LEU A 81 13.17 6.04 -5.91
CA LEU A 81 12.76 5.49 -7.19
C LEU A 81 13.32 6.28 -8.35
N GLU A 82 13.16 7.60 -8.29
CA GLU A 82 13.61 8.48 -9.36
C GLU A 82 15.13 8.51 -9.54
N LYS A 83 15.87 8.51 -8.43
CA LYS A 83 17.32 8.52 -8.49
C LYS A 83 17.87 7.28 -9.19
N LEU A 84 17.38 6.11 -8.76
CA LEU A 84 17.86 4.84 -9.33
C LEU A 84 17.29 4.62 -10.72
N ASN A 85 16.16 5.25 -11.02
CA ASN A 85 15.56 5.16 -12.35
C ASN A 85 16.47 5.79 -13.40
N ASN A 86 17.12 6.89 -13.02
CA ASN A 86 18.08 7.54 -13.91
C ASN A 86 19.39 6.76 -13.94
N GLN A 87 19.76 6.20 -12.79
CA GLN A 87 20.97 5.39 -12.69
C GLN A 87 20.87 4.15 -13.59
N LEU A 88 19.67 3.60 -13.70
CA LEU A 88 19.41 2.46 -14.58
C LEU A 88 19.60 2.83 -16.04
N LYS A 89 19.02 3.96 -16.45
CA LYS A 89 19.13 4.44 -17.83
C LYS A 89 20.59 4.56 -18.25
N ALA A 90 21.39 5.18 -17.38
CA ALA A 90 22.82 5.35 -17.64
C ALA A 90 23.51 4.02 -17.86
N LEU A 91 23.16 3.03 -17.06
CA LEU A 91 23.77 1.70 -17.17
C LEU A 91 23.32 1.03 -18.45
N THR A 92 22.04 1.22 -18.79
CA THR A 92 21.49 0.71 -20.04
C THR A 92 22.23 1.30 -21.23
N GLU A 93 22.60 2.57 -21.13
CA GLU A 93 23.35 3.26 -22.18
C GLU A 93 24.71 2.58 -22.37
N LYS A 94 25.37 2.31 -21.26
CA LYS A 94 26.66 1.62 -21.29
C LYS A 94 26.53 0.24 -21.91
N ASN A 95 25.48 -0.47 -21.51
CA ASN A 95 25.22 -1.82 -22.00
C ASN A 95 25.02 -1.88 -23.52
N LYS A 96 24.25 -0.95 -24.05
CA LYS A 96 23.97 -0.90 -25.48
C LYS A 96 25.22 -0.58 -26.28
N GLU A 97 26.08 0.26 -25.71
CA GLU A 97 27.33 0.62 -26.35
C GLU A 97 28.26 -0.58 -26.36
N LEU A 98 28.22 -1.36 -25.29
CA LEU A 98 29.03 -2.56 -25.15
C LEU A 98 28.61 -3.63 -26.15
N GLU A 99 27.30 -3.71 -26.41
CA GLU A 99 26.77 -4.65 -27.38
C GLU A 99 27.21 -4.33 -28.81
N ALA A 101 29.86 -2.75 -29.69
CA ALA A 101 31.27 -3.07 -29.75
C ALA A 101 31.46 -4.57 -30.00
N GLN A 102 30.69 -5.38 -29.28
CA GLN A 102 30.74 -6.82 -29.46
C GLN A 102 30.28 -7.20 -30.85
N ASP A 103 29.19 -6.57 -31.30
CA ASP A 103 28.66 -6.82 -32.64
C ASP A 103 29.69 -6.45 -33.70
N ARG A 104 30.39 -5.34 -33.49
CA ARG A 104 31.44 -4.93 -34.40
C ARG A 104 32.60 -5.92 -34.38
N ASN A 105 32.96 -6.40 -33.21
CA ASN A 105 34.09 -7.31 -33.08
C ASN A 105 33.80 -8.71 -33.61
N ILE A 106 32.60 -9.22 -33.33
CA ILE A 106 32.19 -10.51 -33.86
C ILE A 106 32.15 -10.46 -35.39
N ALA A 107 31.66 -9.35 -35.92
CA ALA A 107 31.62 -9.14 -37.37
C ALA A 107 33.03 -9.06 -37.94
N ILE A 108 33.92 -8.34 -37.25
CA ILE A 108 35.31 -8.24 -37.65
C ILE A 108 35.97 -9.62 -37.69
N GLN A 109 35.80 -10.38 -36.61
CA GLN A 109 36.38 -11.71 -36.50
C GLN A 109 35.84 -12.66 -37.56
N SER A 110 34.54 -12.54 -37.85
CA SER A 110 33.92 -13.35 -38.89
C SER A 110 34.59 -13.08 -40.23
N GLN A 111 34.86 -11.81 -40.50
CA GLN A 111 35.54 -11.41 -41.72
C GLN A 111 36.97 -11.93 -41.75
N THR A 113 38.16 -14.52 -40.41
CA THR A 113 38.14 -15.96 -40.69
C THR A 113 37.97 -16.19 -42.19
N ARG A 114 37.11 -15.38 -42.80
CA ARG A 114 36.89 -15.46 -44.24
C ARG A 114 38.20 -15.23 -45.00
N THR A 115 38.95 -14.21 -44.58
CA THR A 115 40.23 -13.90 -45.20
C THR A 115 41.24 -15.01 -44.97
N LYS A 116 41.20 -15.63 -43.79
CA LYS A 116 42.12 -16.71 -43.47
C LYS A 116 41.88 -17.90 -44.39
N GLU A 117 40.63 -18.33 -44.48
CA GLU A 117 40.23 -19.47 -45.29
C GLU A 117 40.57 -19.30 -46.78
N GLU A 118 40.31 -18.10 -47.31
CA GLU A 118 40.59 -17.82 -48.71
C GLU A 118 42.09 -17.78 -48.98
N LEU A 119 42.85 -17.36 -47.98
CA LEU A 119 44.30 -17.35 -48.08
C LEU A 119 44.83 -18.78 -48.13
N GLU A 120 44.25 -19.65 -47.30
CA GLU A 120 44.62 -21.06 -47.29
C GLU A 120 44.30 -21.72 -48.63
N ALA A 121 43.24 -21.27 -49.28
CA ALA A 121 42.88 -21.77 -50.60
C ALA A 121 43.93 -21.35 -51.62
N GLU A 122 44.28 -20.07 -51.60
CA GLU A 122 45.32 -19.53 -52.47
C GLU A 122 46.65 -20.24 -52.24
N LYS A 123 46.96 -20.49 -50.97
CA LYS A 123 48.21 -21.14 -50.59
C LYS A 123 48.30 -22.56 -51.15
N ARG A 124 47.19 -23.27 -51.08
CA ARG A 124 47.11 -24.63 -51.62
C ARG A 124 47.35 -24.69 -53.12
N ASP A 125 46.78 -23.73 -53.84
CA ASP A 125 46.97 -23.67 -55.29
C ASP A 125 48.44 -23.57 -55.63
N LEU A 126 49.16 -22.74 -54.88
CA LEU A 126 50.60 -22.58 -55.07
C LEU A 126 51.34 -23.86 -54.73
N ILE A 127 50.88 -24.56 -53.70
CA ILE A 127 51.48 -25.83 -53.29
C ILE A 127 51.41 -26.90 -54.38
N ARG A 128 50.22 -27.11 -54.94
CA ARG A 128 50.07 -28.12 -56.00
C ARG A 128 50.81 -27.70 -57.26
N THR A 129 50.78 -26.40 -57.55
CA THR A 129 51.51 -25.85 -58.69
C THR A 129 52.99 -26.11 -58.50
N ASN A 130 53.46 -25.90 -57.28
CA ASN A 130 54.85 -26.17 -56.92
C ASN A 130 55.21 -27.63 -57.16
N GLU A 131 54.33 -28.53 -56.75
CA GLU A 131 54.54 -29.96 -56.97
C GLU A 131 54.70 -30.31 -58.44
N ARG A 132 53.83 -29.73 -59.27
CA ARG A 132 53.83 -30.03 -60.70
C ARG A 132 55.11 -29.57 -61.37
N LEU A 133 55.57 -28.36 -61.03
CA LEU A 133 56.82 -27.85 -61.56
C LEU A 133 58.00 -28.69 -61.09
N SER A 134 58.05 -28.93 -59.78
CA SER A 134 59.10 -29.74 -59.19
C SER A 134 59.21 -31.13 -59.82
N GLN A 135 58.07 -31.82 -59.92
CA GLN A 135 58.02 -33.15 -60.52
C GLN A 135 58.45 -33.12 -61.98
N GLU A 136 57.87 -32.21 -62.75
CA GLU A 136 58.20 -32.06 -64.16
C GLU A 136 59.68 -31.76 -64.37
N LEU A 137 60.25 -31.02 -63.43
CA LEU A 137 61.67 -30.70 -63.44
C LEU A 137 62.52 -31.97 -63.31
N GLU A 138 62.07 -32.89 -62.45
CA GLU A 138 62.79 -34.14 -62.22
C GLU A 138 62.98 -34.96 -63.51
N TYR A 139 62.01 -34.87 -64.42
CA TYR A 139 62.13 -35.54 -65.71
C TYR A 139 63.37 -35.11 -66.46
N LEU A 140 63.72 -33.84 -66.32
CA LEU A 140 64.83 -33.25 -67.07
C LEU A 140 66.15 -33.26 -66.30
N THR A 141 66.17 -33.88 -65.12
CA THR A 141 67.39 -33.96 -64.33
C THR A 141 68.17 -35.21 -64.69
N ALA B 2 -55.71 16.65 34.79
CA ALA B 2 -56.30 15.64 35.66
C ALA B 2 -55.33 14.49 35.89
N VAL B 3 -54.59 14.56 36.99
CA VAL B 3 -53.72 13.46 37.39
C VAL B 3 -54.38 12.63 38.47
N LEU B 4 -55.42 13.20 39.08
CA LEU B 4 -56.10 12.59 40.21
C LEU B 4 -57.01 11.44 39.78
N GLN B 5 -57.55 11.56 38.58
CA GLN B 5 -58.53 10.59 38.09
C GLN B 5 -57.94 9.21 37.82
N GLN B 6 -56.65 9.16 37.49
CA GLN B 6 -55.99 7.88 37.24
C GLN B 6 -56.03 7.01 38.49
N VAL B 7 -55.81 7.63 39.64
CA VAL B 7 -55.71 6.90 40.90
C VAL B 7 -57.04 6.42 41.50
N LEU B 8 -58.06 7.27 41.54
CA LEU B 8 -59.32 6.91 42.20
C LEU B 8 -60.53 6.85 41.27
N GLU B 9 -61.55 6.12 41.70
CA GLU B 9 -62.79 5.99 40.96
C GLU B 9 -63.78 7.12 41.30
N ARG B 10 -64.70 7.39 40.37
CA ARG B 10 -65.62 8.52 40.42
C ARG B 10 -66.29 8.76 41.78
N THR B 11 -66.72 7.69 42.44
CA THR B 11 -67.36 7.81 43.75
C THR B 11 -66.40 8.38 44.79
N GLU B 12 -65.19 7.83 44.82
CA GLU B 12 -64.16 8.22 45.79
C GLU B 12 -63.80 9.71 45.69
N LEU B 13 -63.68 10.21 44.47
CA LEU B 13 -63.22 11.58 44.24
C LEU B 13 -64.23 12.64 44.71
N ASN B 14 -65.52 12.29 44.68
CA ASN B 14 -66.61 13.19 45.07
C ASN B 14 -66.81 13.35 46.58
N LYS B 15 -66.15 12.51 47.36
CA LYS B 15 -66.21 12.62 48.81
C LYS B 15 -65.08 13.50 49.32
N LEU B 16 -64.26 13.97 48.39
CA LEU B 16 -63.14 14.82 48.72
C LEU B 16 -63.49 16.30 48.54
N PRO B 17 -63.23 17.12 49.57
CA PRO B 17 -63.39 18.56 49.39
C PRO B 17 -62.51 19.04 48.24
N LYS B 18 -62.96 20.05 47.50
CA LYS B 18 -62.24 20.51 46.32
C LYS B 18 -60.82 20.95 46.66
N SER B 19 -60.66 21.60 47.81
CA SER B 19 -59.35 22.04 48.27
C SER B 19 -58.37 20.87 48.37
N VAL B 20 -58.85 19.75 48.92
CA VAL B 20 -58.05 18.53 49.02
C VAL B 20 -57.63 18.06 47.63
N GLN B 21 -58.56 18.12 46.69
CA GLN B 21 -58.28 17.71 45.31
C GLN B 21 -57.26 18.62 44.65
N ASN B 22 -57.39 19.92 44.90
CA ASN B 22 -56.47 20.91 44.32
C ASN B 22 -55.05 20.73 44.84
N LYS B 23 -54.92 20.54 46.15
CA LYS B 23 -53.61 20.26 46.76
C LYS B 23 -53.01 18.97 46.21
N LEU B 24 -53.85 17.96 46.01
CA LEU B 24 -53.40 16.70 45.44
C LEU B 24 -52.96 16.90 44.00
N GLU B 25 -53.73 17.67 43.25
CA GLU B 25 -53.41 17.97 41.86
C GLU B 25 -52.05 18.65 41.69
N LYS B 26 -51.78 19.66 42.51
CA LYS B 26 -50.54 20.41 42.41
C LYS B 26 -49.33 19.51 42.59
N PHE B 27 -49.39 18.63 43.58
CA PHE B 27 -48.28 17.73 43.86
C PHE B 27 -48.09 16.72 42.74
N LEU B 28 -49.21 16.16 42.27
CA LEU B 28 -49.20 15.19 41.19
C LEU B 28 -48.71 15.78 39.87
N ALA B 29 -49.23 16.96 39.53
CA ALA B 29 -48.80 17.67 38.32
C ALA B 29 -47.30 17.95 38.34
N ASP B 30 -46.81 18.42 39.47
CA ASP B 30 -45.40 18.79 39.62
C ASP B 30 -44.47 17.59 39.43
N GLN B 31 -44.84 16.45 40.01
CA GLN B 31 -44.05 15.24 39.87
C GLN B 31 -44.08 14.75 38.43
N GLN B 32 -45.22 14.89 37.78
CA GLN B 32 -45.37 14.54 36.38
C GLN B 32 -44.57 15.49 35.50
N SER B 33 -44.51 16.75 35.91
CA SER B 33 -43.71 17.75 35.19
C SER B 33 -42.23 17.40 35.22
N GLU B 34 -41.78 16.84 36.34
CA GLU B 34 -40.39 16.44 36.47
C GLU B 34 -40.09 15.23 35.59
N ILE B 35 -41.03 14.29 35.55
CA ILE B 35 -40.87 13.09 34.75
C ILE B 35 -40.75 13.44 33.27
N ASP B 36 -41.71 14.19 32.76
CA ASP B 36 -41.68 14.64 31.38
C ASP B 36 -40.45 15.49 31.11
N GLY B 37 -40.01 16.22 32.14
CA GLY B 37 -38.82 17.04 32.03
C GLY B 37 -37.57 16.19 31.93
N LEU B 38 -37.48 15.17 32.76
CA LEU B 38 -36.32 14.28 32.76
C LEU B 38 -36.23 13.46 31.47
N LYS B 39 -37.39 13.10 30.91
CA LYS B 39 -37.41 12.32 29.68
C LYS B 39 -37.02 13.20 28.49
N GLY B 40 -37.51 14.42 28.50
CA GLY B 40 -37.14 15.41 27.49
C GLY B 40 -35.64 15.61 27.49
N ARG B 41 -35.08 15.69 28.68
CA ARG B 41 -33.64 15.87 28.86
C ARG B 41 -32.85 14.73 28.23
N HIS B 42 -33.16 13.49 28.65
CA HIS B 42 -32.48 12.31 28.13
C HIS B 42 -32.59 12.19 26.61
N GLU B 43 -33.80 12.34 26.10
CA GLU B 43 -34.05 12.19 24.66
C GLU B 43 -33.28 13.20 23.82
N LYS B 44 -33.21 14.44 24.29
CA LYS B 44 -32.45 15.44 23.56
C LYS B 44 -30.95 15.19 23.71
N PHE B 45 -30.55 14.74 24.89
CA PHE B 45 -29.15 14.42 25.15
C PHE B 45 -28.67 13.28 24.24
N LYS B 46 -29.45 12.21 24.18
CA LYS B 46 -29.11 11.05 23.36
C LYS B 46 -28.89 11.42 21.90
N VAL B 47 -29.77 12.26 21.38
CA VAL B 47 -29.67 12.71 19.99
C VAL B 47 -28.35 13.43 19.77
N GLU B 48 -28.01 14.31 20.69
CA GLU B 48 -26.74 15.04 20.64
C GLU B 48 -25.57 14.06 20.70
N SER B 49 -25.66 13.10 21.62
CA SER B 49 -24.63 12.09 21.79
C SER B 49 -24.41 11.28 20.52
N GLU B 50 -25.51 10.87 19.89
CA GLU B 50 -25.44 10.06 18.68
C GLU B 50 -24.88 10.84 17.49
N GLN B 51 -25.29 12.10 17.35
CA GLN B 51 -24.83 12.93 16.25
C GLN B 51 -23.34 13.21 16.37
N GLN B 52 -22.87 13.40 17.61
CA GLN B 52 -21.46 13.66 17.85
C GLN B 52 -20.64 12.42 17.51
N TYR B 53 -21.22 11.24 17.71
CA TYR B 53 -20.54 10.00 17.40
C TYR B 53 -20.49 9.77 15.89
N GLU B 55 -20.54 11.80 13.51
CA GLU B 55 -19.69 12.75 12.82
C GLU B 55 -18.22 12.38 12.97
N ILE B 56 -17.82 11.98 14.17
CA ILE B 56 -16.45 11.55 14.40
C ILE B 56 -16.23 10.16 13.81
N GLU B 57 -17.32 9.42 13.64
CA GLU B 57 -17.28 8.10 13.02
C GLU B 57 -16.91 8.25 11.55
N LYS B 58 -17.52 9.24 10.90
CA LYS B 58 -17.24 9.53 9.51
C LYS B 58 -15.79 9.97 9.31
N ARG B 59 -15.26 10.76 10.24
CA ARG B 59 -13.87 11.20 10.14
C ARG B 59 -12.89 10.05 10.29
N LEU B 60 -13.25 9.07 11.12
CA LEU B 60 -12.43 7.87 11.27
C LEU B 60 -12.52 7.03 10.01
N SER B 61 -13.74 6.82 9.53
CA SER B 61 -14.00 6.07 8.31
C SER B 61 -13.22 6.62 7.12
N HIS B 62 -13.28 7.94 6.94
CA HIS B 62 -12.58 8.60 5.84
C HIS B 62 -11.06 8.49 6.00
N SER B 63 -10.57 8.67 7.21
CA SER B 63 -9.14 8.59 7.49
C SER B 63 -8.60 7.18 7.25
N GLN B 64 -9.44 6.18 7.55
CA GLN B 64 -9.07 4.79 7.34
C GLN B 64 -8.98 4.45 5.86
N GLU B 65 -10.00 4.87 5.10
CA GLU B 65 -10.06 4.60 3.67
C GLU B 65 -8.84 5.20 2.96
N ARG B 66 -8.40 6.35 3.44
CA ARG B 66 -7.25 7.03 2.85
C ARG B 66 -5.95 6.38 3.29
N LEU B 67 -5.92 5.87 4.52
CA LEU B 67 -4.80 5.09 5.02
C LEU B 67 -4.62 3.81 4.20
N VAL B 68 -5.73 3.21 3.82
CA VAL B 68 -5.72 2.03 2.96
C VAL B 68 -5.10 2.36 1.61
N ASN B 69 -5.55 3.45 1.01
CA ASN B 69 -5.06 3.87 -0.30
C ASN B 69 -3.58 4.22 -0.28
N GLU B 70 -3.10 4.71 0.87
CA GLU B 70 -1.70 5.07 1.00
C GLU B 70 -0.85 3.82 1.15
N THR B 71 -1.34 2.85 1.92
CA THR B 71 -0.62 1.59 2.12
C THR B 71 -0.47 0.84 0.82
N ARG B 72 -1.56 0.81 0.07
CA ARG B 72 -1.58 0.16 -1.22
C ARG B 72 -0.63 0.84 -2.19
N GLU B 73 -0.60 2.17 -2.17
CA GLU B 73 0.26 2.94 -3.07
C GLU B 73 1.72 2.84 -2.64
N CYS B 74 1.96 2.77 -1.33
CA CYS B 74 3.31 2.60 -0.80
C CYS B 74 3.90 1.24 -1.16
N GLN B 75 3.14 0.19 -0.89
CA GLN B 75 3.55 -1.17 -1.25
C GLN B 75 3.84 -1.31 -2.74
N SER B 76 2.97 -0.73 -3.56
CA SER B 76 3.12 -0.75 -5.00
C SER B 76 4.47 -0.18 -5.43
N LEU B 77 4.88 0.89 -4.76
CA LEU B 77 6.17 1.52 -5.03
C LEU B 77 7.35 0.72 -4.46
N ARG B 78 7.22 0.31 -3.20
CA ARG B 78 8.27 -0.42 -2.49
C ARG B 78 8.71 -1.68 -3.23
N LEU B 79 7.74 -2.37 -3.84
CA LEU B 79 8.03 -3.53 -4.67
C LEU B 79 8.83 -3.11 -5.91
N GLU B 80 8.37 -2.04 -6.56
CA GLU B 80 9.02 -1.54 -7.77
C GLU B 80 10.46 -1.16 -7.48
N LEU B 81 10.69 -0.53 -6.33
CA LEU B 81 12.03 -0.20 -5.88
C LEU B 81 12.90 -1.44 -5.93
N GLU B 82 12.38 -2.53 -5.38
CA GLU B 82 13.09 -3.80 -5.33
C GLU B 82 13.30 -4.36 -6.73
N LYS B 83 12.27 -4.23 -7.57
CA LYS B 83 12.28 -4.77 -8.93
C LYS B 83 13.39 -4.17 -9.80
N LEU B 84 13.48 -2.84 -9.84
CA LEU B 84 14.51 -2.21 -10.66
C LEU B 84 15.87 -2.30 -9.97
N ASN B 85 15.85 -2.50 -8.65
CA ASN B 85 17.08 -2.71 -7.90
C ASN B 85 17.77 -3.99 -8.36
N ASN B 86 16.96 -4.98 -8.71
CA ASN B 86 17.46 -6.24 -9.25
C ASN B 86 17.93 -6.05 -10.69
N GLN B 87 17.23 -5.19 -11.43
CA GLN B 87 17.60 -4.88 -12.80
C GLN B 87 19.01 -4.30 -12.86
N LEU B 88 19.36 -3.50 -11.87
CA LEU B 88 20.71 -2.95 -11.78
C LEU B 88 21.73 -4.06 -11.55
N LYS B 89 21.45 -4.92 -10.58
CA LYS B 89 22.33 -6.05 -10.27
C LYS B 89 22.54 -6.93 -11.49
N ALA B 90 21.44 -7.30 -12.14
CA ALA B 90 21.49 -8.14 -13.33
C ALA B 90 22.28 -7.47 -14.46
N LEU B 91 22.05 -6.18 -14.66
CA LEU B 91 22.69 -5.44 -15.74
C LEU B 91 24.18 -5.21 -15.44
N THR B 92 24.48 -4.92 -14.19
CA THR B 92 25.87 -4.73 -13.76
C THR B 92 26.68 -6.00 -14.04
N GLU B 93 26.06 -7.15 -13.80
CA GLU B 93 26.71 -8.42 -14.09
C GLU B 93 26.88 -8.61 -15.60
N LYS B 94 25.84 -8.28 -16.36
CA LYS B 94 25.90 -8.39 -17.82
C LYS B 94 27.01 -7.53 -18.40
N ASN B 95 27.12 -6.30 -17.89
CA ASN B 95 28.17 -5.39 -18.34
C ASN B 95 29.55 -5.95 -18.04
N LYS B 96 29.70 -6.51 -16.85
CA LYS B 96 30.98 -7.08 -16.44
C LYS B 96 31.35 -8.26 -17.34
N GLU B 97 30.33 -9.01 -17.77
CA GLU B 97 30.54 -10.13 -18.67
C GLU B 97 30.93 -9.67 -20.06
N LEU B 98 30.28 -8.59 -20.54
CA LEU B 98 30.59 -8.07 -21.87
C LEU B 98 31.96 -7.42 -21.93
N GLU B 99 32.36 -6.75 -20.86
CA GLU B 99 33.67 -6.11 -20.81
C GLU B 99 34.76 -7.17 -20.87
N ALA B 101 34.46 -10.09 -22.19
CA ALA B 101 34.38 -10.77 -23.48
C ALA B 101 35.08 -9.97 -24.58
N GLN B 102 34.87 -8.66 -24.59
CA GLN B 102 35.47 -7.78 -25.56
C GLN B 102 36.99 -7.77 -25.43
N ASP B 103 37.46 -7.73 -24.19
CA ASP B 103 38.89 -7.76 -23.91
C ASP B 103 39.52 -9.05 -24.43
N ARG B 104 38.78 -10.14 -24.30
CA ARG B 104 39.21 -11.43 -24.84
C ARG B 104 39.27 -11.37 -26.35
N ASN B 105 38.31 -10.65 -26.95
CA ASN B 105 38.20 -10.55 -28.39
C ASN B 105 39.31 -9.73 -29.04
N ILE B 106 39.74 -8.67 -28.37
CA ILE B 106 40.85 -7.86 -28.85
C ILE B 106 42.11 -8.73 -28.95
N ALA B 107 42.30 -9.59 -27.96
CA ALA B 107 43.40 -10.52 -27.96
C ALA B 107 43.24 -11.51 -29.12
N ILE B 108 42.01 -11.94 -29.35
CA ILE B 108 41.70 -12.83 -30.47
C ILE B 108 42.09 -12.17 -31.79
N GLN B 109 41.67 -10.91 -31.96
CA GLN B 109 41.95 -10.16 -33.17
C GLN B 109 43.46 -9.96 -33.37
N SER B 110 44.16 -9.70 -32.27
CA SER B 110 45.61 -9.54 -32.32
C SER B 110 46.26 -10.80 -32.87
N GLN B 111 45.76 -11.94 -32.41
CA GLN B 111 46.24 -13.25 -32.84
C GLN B 111 45.95 -13.51 -34.31
N THR B 113 45.51 -11.47 -36.73
CA THR B 113 46.35 -10.63 -37.58
C THR B 113 47.74 -11.26 -37.71
N ARG B 114 48.26 -11.77 -36.58
CA ARG B 114 49.54 -12.47 -36.58
C ARG B 114 49.51 -13.68 -37.50
N THR B 115 48.43 -14.44 -37.42
CA THR B 115 48.24 -15.62 -38.26
C THR B 115 48.09 -15.21 -39.72
N LYS B 116 47.42 -14.09 -39.96
CA LYS B 116 47.21 -13.59 -41.31
C LYS B 116 48.53 -13.20 -41.97
N GLU B 117 49.32 -12.38 -41.28
CA GLU B 117 50.61 -11.92 -41.79
C GLU B 117 51.54 -13.09 -42.08
N GLU B 118 51.49 -14.10 -41.21
CA GLU B 118 52.32 -15.29 -41.38
C GLU B 118 51.90 -16.08 -42.61
N LEU B 119 50.61 -16.05 -42.92
CA LEU B 119 50.10 -16.69 -44.14
C LEU B 119 50.59 -15.96 -45.39
N GLU B 120 50.54 -14.63 -45.33
CA GLU B 120 50.99 -13.81 -46.45
C GLU B 120 52.48 -14.00 -46.71
N ALA B 121 53.23 -14.26 -45.64
CA ALA B 121 54.66 -14.51 -45.75
C ALA B 121 54.93 -15.81 -46.50
N GLU B 122 54.24 -16.87 -46.09
CA GLU B 122 54.36 -18.16 -46.75
C GLU B 122 53.97 -18.06 -48.22
N LYS B 123 52.90 -17.31 -48.49
CA LYS B 123 52.38 -17.16 -49.83
C LYS B 123 53.38 -16.47 -50.75
N ARG B 124 54.05 -15.44 -50.24
CA ARG B 124 55.07 -14.74 -51.02
C ARG B 124 56.21 -15.68 -51.39
N ASP B 125 56.63 -16.49 -50.42
CA ASP B 125 57.70 -17.45 -50.62
C ASP B 125 57.38 -18.45 -51.73
N LEU B 126 56.14 -18.92 -51.75
CA LEU B 126 55.69 -19.84 -52.78
C LEU B 126 55.69 -19.18 -54.15
N ILE B 127 55.34 -17.89 -54.18
CA ILE B 127 55.38 -17.12 -55.42
C ILE B 127 56.80 -17.06 -55.97
N ARG B 128 57.75 -16.74 -55.10
CA ARG B 128 59.15 -16.65 -55.51
C ARG B 128 59.70 -18.00 -55.92
N THR B 129 59.35 -19.04 -55.17
CA THR B 129 59.78 -20.40 -55.48
C THR B 129 59.22 -20.86 -56.83
N ASN B 130 57.93 -20.62 -57.05
CA ASN B 130 57.28 -20.98 -58.31
C ASN B 130 57.93 -20.30 -59.51
N GLU B 131 58.19 -19.00 -59.36
CA GLU B 131 58.87 -18.22 -60.39
C GLU B 131 60.23 -18.83 -60.69
N ARG B 132 60.93 -19.20 -59.62
CA ARG B 132 62.28 -19.74 -59.71
C ARG B 132 62.30 -21.08 -60.45
N LEU B 133 61.36 -21.96 -60.13
CA LEU B 133 61.22 -23.23 -60.84
C LEU B 133 60.85 -23.01 -62.30
N SER B 134 59.89 -22.13 -62.54
CA SER B 134 59.42 -21.81 -63.89
C SER B 134 60.59 -21.41 -64.78
N GLN B 135 61.41 -20.49 -64.28
CA GLN B 135 62.59 -20.04 -65.00
C GLN B 135 63.54 -21.20 -65.27
N GLU B 136 63.79 -21.99 -64.22
CA GLU B 136 64.67 -23.15 -64.33
C GLU B 136 64.20 -24.15 -65.36
N LEU B 137 62.88 -24.31 -65.47
CA LEU B 137 62.31 -25.20 -66.49
C LEU B 137 62.60 -24.69 -67.90
N GLU B 138 62.39 -23.40 -68.12
CA GLU B 138 62.61 -22.80 -69.42
C GLU B 138 64.07 -22.93 -69.86
N TYR B 139 64.97 -22.84 -68.89
CA TYR B 139 66.39 -23.03 -69.14
C TYR B 139 66.71 -24.42 -69.68
N LEU B 140 66.00 -25.42 -69.17
CA LEU B 140 66.26 -26.81 -69.53
C LEU B 140 65.36 -27.38 -70.63
N THR B 141 64.45 -26.57 -71.14
CA THR B 141 63.58 -27.02 -72.22
C THR B 141 63.94 -26.37 -73.55
#